data_1ZX7
#
_entry.id   1ZX7
#
_cell.length_a   32.650
_cell.length_b   153.200
_cell.length_c   32.740
_cell.angle_alpha   90.00
_cell.angle_beta   90.10
_cell.angle_gamma   90.00
#
_symmetry.space_group_name_H-M   'P 1 21 1'
#
loop_
_entity.id
_entity.type
_entity.pdbx_description
1 polymer "5'-R(*GP*UP*GP*GP*UP*GP*AP*AP*GP*UP*CP*GP*CP*GP*G)-3'"
2 polymer "5'-R(*CP*GP*CP*GP*UP*CP*AP*CP*AP*CP*CP*AP*CP*C)-3'"
3 water water
#
loop_
_entity_poly.entity_id
_entity_poly.type
_entity_poly.pdbx_seq_one_letter_code
_entity_poly.pdbx_strand_id
1 'polyribonucleotide' GUGGUGAAGUCGCGG A,C,E,G
2 'polyribonucleotide' CGCGUCACACCACC B,D,F,H
#
loop_
_chem_comp.id
_chem_comp.type
_chem_comp.name
_chem_comp.formula
A RNA linking ADENOSINE-5'-MONOPHOSPHATE 'C10 H14 N5 O7 P'
C RNA linking CYTIDINE-5'-MONOPHOSPHATE 'C9 H14 N3 O8 P'
G RNA linking GUANOSINE-5'-MONOPHOSPHATE 'C10 H14 N5 O8 P'
U RNA linking URIDINE-5'-MONOPHOSPHATE 'C9 H13 N2 O9 P'
#